data_7KMJ
#
_entry.id   7KMJ
#
_cell.length_a   46.635
_cell.length_b   58.173
_cell.length_c   75.973
_cell.angle_alpha   90.000
_cell.angle_beta   90.000
_cell.angle_gamma   90.000
#
_symmetry.space_group_name_H-M   'P 21 21 21'
#
loop_
_entity.id
_entity.type
_entity.pdbx_description
1 polymer 'Streptococcal hemagglutinin'
2 branched 'N-acetyl-alpha-neuraminic acid-(2-3)-beta-D-galactopyranose-(1-4)-2-acetamido-2-deoxy-beta-D-glucopyranose'
3 non-polymer 'SODIUM ION'
4 water water
#
_entity_poly.entity_id   1
_entity_poly.type   'polypeptide(L)'
_entity_poly.pdbx_seq_one_letter_code
;LNTNQSVSARNQNARVRTRRAVAANDTEAPQVKSGDYVVYRGESFEYYAEITDNSGQVNRVVIRNVEGGANSTYLSPNWV
KYSTENLGRPGNATVQNPLRTRIFGEVPLNEIVNEKSYYTRYIVAWDPSGNATQMVDNANRNGLERFVLTVKSQNEKYDP
AESSVTYVNNLSNLSTSEREAVAAAVRAANPNIPPTAKITVSQNGTVTITYPDKSTDTIPANRVVKDLQISKSN
;
_entity_poly.pdbx_strand_id   A
#
loop_
_chem_comp.id
_chem_comp.type
_chem_comp.name
_chem_comp.formula
GAL D-saccharide, beta linking beta-D-galactopyranose 'C6 H12 O6'
NA non-polymer 'SODIUM ION' 'Na 1'
NAG D-saccharide, beta linking 2-acetamido-2-deoxy-beta-D-glucopyranose 'C8 H15 N O6'
SIA D-saccharide, alpha linking 'N-acetyl-alpha-neuraminic acid' 'C11 H19 N O9'
#
# COMPACT_ATOMS: atom_id res chain seq x y z
N ASP A 26 10.98 20.58 -29.94
CA ASP A 26 10.21 19.82 -28.94
C ASP A 26 10.10 20.69 -27.69
N THR A 27 8.89 21.18 -27.42
CA THR A 27 8.63 21.91 -26.18
C THR A 27 7.52 21.26 -25.35
N GLU A 28 7.27 19.96 -25.53
CA GLU A 28 6.33 19.16 -24.75
C GLU A 28 7.07 18.25 -23.78
N ALA A 29 6.71 18.33 -22.50
CA ALA A 29 7.39 17.57 -21.45
C ALA A 29 6.89 16.13 -21.42
N PRO A 30 7.64 15.21 -20.81
CA PRO A 30 7.12 13.85 -20.60
C PRO A 30 5.87 13.88 -19.75
N GLN A 31 4.94 13.01 -20.15
CA GLN A 31 3.64 12.82 -19.42
C GLN A 31 3.72 11.55 -18.50
N VAL A 32 3.13 11.65 -17.31
CA VAL A 32 3.24 10.58 -16.28
C VAL A 32 1.85 10.10 -15.89
N LYS A 33 1.74 8.79 -15.81
CA LYS A 33 0.51 8.15 -15.22
C LYS A 33 0.95 7.31 -13.96
N SER A 34 0.50 7.75 -12.80
CA SER A 34 0.88 7.13 -11.49
C SER A 34 -0.32 6.33 -10.98
N GLY A 35 -0.79 6.59 -9.77
CA GLY A 35 -1.96 5.90 -9.24
C GLY A 35 -2.17 6.26 -7.79
N ASP A 36 -2.92 5.44 -7.10
CA ASP A 36 -3.29 5.64 -5.70
C ASP A 36 -2.41 4.73 -4.86
N TYR A 37 -1.30 5.26 -4.35
CA TYR A 37 -0.26 4.39 -3.78
C TYR A 37 -0.43 4.24 -2.26
N VAL A 38 -1.24 3.28 -1.89
CA VAL A 38 -1.51 2.97 -0.48
C VAL A 38 -0.45 1.98 0.02
N VAL A 39 0.12 2.25 1.20
CA VAL A 39 1.14 1.40 1.81
C VAL A 39 0.74 1.18 3.27
N TYR A 40 1.34 0.17 3.90
CA TYR A 40 0.91 -0.31 5.21
C TYR A 40 2.11 -0.58 6.12
N ARG A 41 1.99 -0.14 7.38
CA ARG A 41 3.05 -0.40 8.35
C ARG A 41 3.41 -1.88 8.44
N GLY A 42 4.71 -2.16 8.54
CA GLY A 42 5.19 -3.54 8.65
C GLY A 42 5.22 -4.32 7.35
N GLU A 43 4.96 -3.68 6.20
CA GLU A 43 4.77 -4.36 4.94
C GLU A 43 5.63 -3.70 3.86
N SER A 44 6.10 -4.53 2.92
CA SER A 44 6.71 -4.06 1.70
C SER A 44 5.66 -3.56 0.73
N PHE A 45 6.06 -2.62 -0.13
CA PHE A 45 5.18 -2.17 -1.18
C PHE A 45 5.98 -2.04 -2.48
N GLU A 46 5.24 -2.05 -3.59
CA GLU A 46 5.83 -1.88 -4.92
C GLU A 46 4.74 -1.42 -5.88
N TYR A 47 4.98 -0.30 -6.54
CA TYR A 47 4.09 0.27 -7.55
C TYR A 47 4.95 0.67 -8.74
N TYR A 48 4.32 0.87 -9.88
N TYR A 48 4.33 0.79 -9.90
CA TYR A 48 5.01 1.26 -11.11
CA TYR A 48 4.99 1.26 -11.10
C TYR A 48 4.26 2.42 -11.77
C TYR A 48 4.25 2.48 -11.67
N ALA A 49 5.00 3.50 -12.08
CA ALA A 49 4.42 4.62 -12.81
C ALA A 49 4.87 4.47 -14.27
N GLU A 50 4.06 4.97 -15.21
CA GLU A 50 4.36 4.91 -16.64
CA GLU A 50 4.37 4.90 -16.64
C GLU A 50 4.64 6.30 -17.19
N ILE A 51 5.66 6.43 -18.03
CA ILE A 51 6.08 7.73 -18.53
C ILE A 51 6.26 7.64 -20.04
N THR A 52 5.71 8.62 -20.75
CA THR A 52 5.85 8.73 -22.21
C THR A 52 6.37 10.11 -22.59
N ASP A 53 6.99 10.20 -23.75
CA ASP A 53 7.33 11.52 -24.27
C ASP A 53 7.10 11.50 -25.78
N ASN A 54 6.73 12.66 -26.30
CA ASN A 54 6.52 12.77 -27.75
C ASN A 54 7.78 12.49 -28.58
N SER A 55 8.98 12.61 -28.00
CA SER A 55 10.24 12.29 -28.66
C SER A 55 10.57 10.80 -28.61
N GLY A 56 9.83 10.05 -27.80
CA GLY A 56 10.09 8.65 -27.53
C GLY A 56 11.18 8.35 -26.54
N GLN A 57 11.82 9.36 -25.94
CA GLN A 57 12.96 9.12 -25.06
C GLN A 57 12.88 9.97 -23.80
N VAL A 58 13.26 9.34 -22.68
CA VAL A 58 13.38 10.01 -21.38
C VAL A 58 14.76 9.69 -20.82
N ASN A 59 15.45 10.72 -20.33
CA ASN A 59 16.82 10.56 -19.87
C ASN A 59 16.99 10.50 -18.36
N ARG A 60 16.02 11.00 -17.59
CA ARG A 60 16.17 11.09 -16.14
C ARG A 60 14.76 11.09 -15.55
N VAL A 61 14.65 10.50 -14.34
CA VAL A 61 13.41 10.51 -13.55
C VAL A 61 13.78 10.76 -12.09
N VAL A 62 13.15 11.77 -11.49
CA VAL A 62 13.28 12.09 -10.07
C VAL A 62 11.89 12.02 -9.45
N ILE A 63 11.82 11.50 -8.22
CA ILE A 63 10.61 11.56 -7.41
C ILE A 63 10.94 12.43 -6.20
N ARG A 64 10.10 13.42 -5.93
CA ARG A 64 10.49 14.46 -4.98
C ARG A 64 9.31 15.09 -4.24
N ASN A 65 9.64 15.68 -3.09
CA ASN A 65 8.76 16.62 -2.41
C ASN A 65 8.62 17.92 -3.24
N VAL A 66 7.50 18.62 -3.08
CA VAL A 66 7.24 19.83 -3.88
C VAL A 66 8.27 20.92 -3.61
N GLU A 67 8.74 21.04 -2.38
CA GLU A 67 9.56 22.20 -2.05
C GLU A 67 10.99 21.99 -2.53
N GLY A 68 11.73 23.11 -2.59
CA GLY A 68 13.14 23.07 -2.89
C GLY A 68 13.61 23.65 -4.22
N GLY A 69 12.73 24.01 -5.14
CA GLY A 69 13.22 24.63 -6.37
C GLY A 69 13.70 23.61 -7.40
N ALA A 70 14.14 24.12 -8.55
CA ALA A 70 14.27 23.28 -9.74
C ALA A 70 15.29 22.16 -9.59
N ASN A 71 16.31 22.34 -8.76
CA ASN A 71 17.39 21.34 -8.69
C ASN A 71 17.26 20.37 -7.53
N SER A 72 16.19 20.47 -6.76
CA SER A 72 16.05 19.63 -5.59
C SER A 72 15.66 18.20 -5.99
N THR A 73 16.31 17.22 -5.35
CA THR A 73 15.88 15.82 -5.40
C THR A 73 15.43 15.31 -4.04
N TYR A 74 15.20 16.20 -3.07
CA TYR A 74 14.83 15.74 -1.74
C TYR A 74 13.50 15.00 -1.77
N LEU A 75 13.48 13.83 -1.16
CA LEU A 75 12.28 12.99 -1.06
C LEU A 75 12.22 12.41 0.34
N SER A 76 11.09 12.57 1.00
CA SER A 76 10.84 11.94 2.28
C SER A 76 9.46 11.27 2.24
N PRO A 77 9.19 10.30 3.14
CA PRO A 77 10.10 9.65 4.08
C PRO A 77 11.29 8.95 3.42
N ASN A 78 12.36 8.70 4.17
CA ASN A 78 13.56 8.17 3.58
C ASN A 78 13.41 6.73 3.12
N TRP A 79 12.39 6.03 3.59
CA TRP A 79 12.16 4.64 3.19
C TRP A 79 11.49 4.51 1.81
N VAL A 80 11.05 5.60 1.20
CA VAL A 80 10.53 5.58 -0.18
C VAL A 80 11.72 5.50 -1.12
N LYS A 81 11.82 4.39 -1.85
CA LYS A 81 12.86 4.14 -2.85
C LYS A 81 12.26 4.13 -4.26
N TYR A 82 13.11 4.34 -5.25
CA TYR A 82 12.65 4.22 -6.63
C TYR A 82 13.81 3.92 -7.56
N SER A 83 13.48 3.36 -8.73
CA SER A 83 14.48 3.03 -9.73
C SER A 83 13.83 2.97 -11.11
N THR A 84 14.60 3.29 -12.14
CA THR A 84 14.10 3.28 -13.52
C THR A 84 15.09 2.54 -14.39
N GLU A 85 14.68 1.43 -14.98
CA GLU A 85 15.53 0.69 -15.93
C GLU A 85 15.49 1.33 -17.32
N ASN A 86 16.55 1.11 -18.08
CA ASN A 86 16.59 1.46 -19.51
C ASN A 86 16.54 2.97 -19.77
N LEU A 87 17.10 3.78 -18.87
CA LEU A 87 17.16 5.22 -19.12
C LEU A 87 18.07 5.57 -20.30
N GLY A 88 17.72 6.66 -20.98
CA GLY A 88 18.61 7.29 -21.94
C GLY A 88 18.81 6.52 -23.22
N ARG A 89 17.80 5.80 -23.67
CA ARG A 89 17.86 5.02 -24.90
C ARG A 89 16.73 5.45 -25.83
N PRO A 90 16.98 5.56 -27.13
CA PRO A 90 15.89 5.94 -28.04
C PRO A 90 14.72 4.98 -27.92
N GLY A 91 13.50 5.53 -28.05
CA GLY A 91 12.34 4.67 -28.02
C GLY A 91 12.04 4.03 -26.67
N ASN A 92 12.61 4.54 -25.58
CA ASN A 92 12.37 3.94 -24.27
C ASN A 92 11.09 4.43 -23.60
N ALA A 93 10.36 5.39 -24.21
CA ALA A 93 9.25 6.06 -23.55
C ALA A 93 8.11 6.38 -24.53
N THR A 94 7.56 5.34 -25.14
CA THR A 94 6.55 5.50 -26.18
C THR A 94 5.18 5.09 -25.64
N VAL A 95 4.15 5.50 -26.38
CA VAL A 95 2.79 5.17 -26.02
C VAL A 95 2.62 3.66 -25.95
N GLN A 96 3.18 2.93 -26.90
CA GLN A 96 3.01 1.47 -26.93
C GLN A 96 3.87 0.74 -25.91
N ASN A 97 4.94 1.34 -25.41
CA ASN A 97 5.82 0.71 -24.42
C ASN A 97 6.38 1.81 -23.52
N PRO A 98 5.58 2.28 -22.57
CA PRO A 98 6.04 3.40 -21.73
C PRO A 98 7.24 3.00 -20.90
N LEU A 99 8.05 4.00 -20.55
CA LEU A 99 9.06 3.79 -19.51
C LEU A 99 8.36 3.55 -18.20
N ARG A 100 8.91 2.67 -17.38
CA ARG A 100 8.32 2.45 -16.07
C ARG A 100 9.31 2.65 -14.93
N THR A 101 8.81 3.32 -13.91
CA THR A 101 9.60 3.62 -12.71
C THR A 101 9.01 2.83 -11.55
N ARG A 102 9.86 2.02 -10.93
CA ARG A 102 9.50 1.25 -9.74
C ARG A 102 9.57 2.15 -8.51
N ILE A 103 8.52 2.13 -7.69
CA ILE A 103 8.41 2.91 -6.47
C ILE A 103 8.16 1.89 -5.36
N PHE A 104 9.07 1.79 -4.39
CA PHE A 104 9.09 0.61 -3.52
C PHE A 104 9.70 0.94 -2.16
N GLY A 105 9.48 0.03 -1.21
CA GLY A 105 10.12 0.17 0.07
C GLY A 105 9.51 -0.73 1.11
N GLU A 106 9.96 -0.53 2.34
CA GLU A 106 9.46 -1.25 3.51
C GLU A 106 8.99 -0.20 4.51
N VAL A 107 7.72 -0.27 4.90
CA VAL A 107 7.18 0.73 5.83
C VAL A 107 7.53 0.33 7.26
N PRO A 108 8.25 1.15 8.03
CA PRO A 108 8.53 0.79 9.44
C PRO A 108 7.28 0.64 10.30
N LEU A 109 7.43 -0.15 11.38
CA LEU A 109 6.33 -0.36 12.33
C LEU A 109 5.98 0.91 13.11
N ASN A 110 6.90 1.84 13.22
CA ASN A 110 6.71 3.02 14.06
C ASN A 110 6.23 4.27 13.31
N GLU A 111 5.70 4.14 12.08
CA GLU A 111 5.10 5.28 11.40
C GLU A 111 3.82 5.74 12.12
N ILE A 112 3.53 7.06 12.10
CA ILE A 112 2.26 7.55 12.65
C ILE A 112 1.15 7.49 11.60
N VAL A 113 0.00 6.98 12.02
CA VAL A 113 -1.20 6.83 11.21
C VAL A 113 -2.35 7.40 12.02
N ASN A 114 -3.40 7.83 11.34
CA ASN A 114 -4.51 8.43 12.06
C ASN A 114 -5.81 7.63 11.99
N LYS A 116 -4.97 6.79 8.62
CA LYS A 116 -4.20 7.14 7.39
C LYS A 116 -3.29 8.35 7.61
N SER A 117 -2.14 8.47 6.96
CA SER A 117 -1.28 9.69 6.92
C SER A 117 -1.07 9.91 5.42
N TYR A 118 -0.78 11.10 4.92
CA TYR A 118 -0.72 11.38 3.46
C TYR A 118 0.59 12.08 3.14
N TYR A 119 1.25 11.73 2.05
CA TYR A 119 2.47 12.42 1.56
C TYR A 119 2.28 12.67 0.06
N THR A 120 2.01 13.88 -0.36
CA THR A 120 1.79 14.23 -1.79
C THR A 120 3.15 14.45 -2.44
N ARG A 121 3.48 13.71 -3.50
CA ARG A 121 4.79 13.72 -4.14
C ARG A 121 4.64 13.86 -5.65
N TYR A 122 5.76 14.17 -6.31
CA TYR A 122 5.78 14.52 -7.72
C TYR A 122 6.83 13.71 -8.46
N ILE A 123 6.47 13.23 -9.65
CA ILE A 123 7.36 12.52 -10.55
C ILE A 123 7.75 13.50 -11.65
N VAL A 124 9.05 13.76 -11.77
CA VAL A 124 9.57 14.68 -12.77
C VAL A 124 10.46 13.89 -13.72
N ALA A 125 10.17 13.96 -15.02
CA ALA A 125 10.97 13.29 -16.03
C ALA A 125 11.46 14.33 -17.03
N TRP A 126 12.63 14.06 -17.59
CA TRP A 126 13.28 14.95 -18.56
C TRP A 126 13.46 14.25 -19.89
N ASP A 127 13.11 14.95 -20.98
CA ASP A 127 13.35 14.48 -22.36
C ASP A 127 14.72 14.97 -22.84
N PRO A 128 15.15 14.58 -24.04
CA PRO A 128 16.48 15.03 -24.53
C PRO A 128 16.63 16.53 -24.68
N SER A 129 15.54 17.28 -24.89
CA SER A 129 15.62 18.73 -24.98
C SER A 129 15.63 19.43 -23.63
N GLY A 130 15.62 18.69 -22.52
CA GLY A 130 15.59 19.26 -21.19
C GLY A 130 14.25 19.73 -20.71
N ASN A 131 13.17 19.39 -21.42
CA ASN A 131 11.83 19.74 -20.95
C ASN A 131 11.51 18.78 -19.81
N ALA A 132 11.11 19.34 -18.67
CA ALA A 132 10.76 18.57 -17.48
C ALA A 132 9.26 18.66 -17.22
N THR A 133 8.68 17.54 -16.78
CA THR A 133 7.29 17.52 -16.35
C THR A 133 7.08 18.61 -15.30
N GLN A 134 5.99 19.39 -15.46
CA GLN A 134 5.72 20.49 -14.54
C GLN A 134 5.01 19.98 -13.30
N MET A 135 5.31 20.63 -12.16
CA MET A 135 4.65 20.32 -10.89
CA MET A 135 4.66 20.33 -10.90
C MET A 135 3.53 21.33 -10.68
N VAL A 136 2.29 20.84 -10.62
CA VAL A 136 1.10 21.67 -10.43
C VAL A 136 0.41 21.19 -9.16
N ASP A 137 0.22 22.12 -8.20
CA ASP A 137 -0.30 21.78 -6.86
C ASP A 137 -1.82 21.82 -6.86
N ASN A 138 -2.43 20.73 -7.34
CA ASN A 138 -3.88 20.61 -7.41
C ASN A 138 -4.23 19.13 -7.38
N ALA A 139 -5.23 18.76 -6.56
CA ALA A 139 -5.65 17.36 -6.44
C ALA A 139 -6.18 16.80 -7.75
N ASN A 140 -6.57 17.66 -8.66
CA ASN A 140 -7.06 17.17 -9.97
CA ASN A 140 -7.10 17.18 -10.05
C ASN A 140 -5.92 16.55 -10.79
N ARG A 141 -4.70 16.71 -10.38
CA ARG A 141 -3.59 16.04 -11.07
C ARG A 141 -3.19 14.73 -10.41
N ASN A 142 -3.84 14.36 -9.31
CA ASN A 142 -3.51 13.10 -8.64
C ASN A 142 -3.73 11.93 -9.60
N GLY A 143 -2.78 11.01 -9.62
CA GLY A 143 -2.76 9.90 -10.54
C GLY A 143 -2.04 10.15 -11.84
N LEU A 144 -1.56 11.38 -12.06
CA LEU A 144 -0.76 11.78 -13.21
C LEU A 144 0.67 11.92 -12.69
N GLU A 145 1.29 13.07 -12.87
CA GLU A 145 2.64 13.28 -12.31
C GLU A 145 2.64 13.49 -10.80
N ARG A 146 1.48 13.83 -10.22
CA ARG A 146 1.34 14.03 -8.79
C ARG A 146 0.68 12.78 -8.24
N PHE A 147 1.13 12.32 -7.07
CA PHE A 147 0.49 11.17 -6.44
C PHE A 147 0.47 11.35 -4.95
N VAL A 148 -0.48 10.65 -4.34
CA VAL A 148 -0.60 10.60 -2.89
C VAL A 148 -0.13 9.23 -2.42
N LEU A 149 0.87 9.22 -1.53
CA LEU A 149 1.30 8.03 -0.81
C LEU A 149 0.54 8.03 0.52
N THR A 150 -0.34 7.08 0.71
CA THR A 150 -1.16 7.01 1.92
C THR A 150 -0.64 5.88 2.80
N VAL A 151 -0.22 6.21 4.02
CA VAL A 151 0.25 5.22 4.98
C VAL A 151 -0.92 4.82 5.87
N LYS A 152 -1.22 3.52 5.93
CA LYS A 152 -2.28 2.98 6.76
C LYS A 152 -1.72 1.98 7.77
N SER A 153 -2.50 1.76 8.82
CA SER A 153 -2.13 0.70 9.77
C SER A 153 -2.22 -0.67 9.09
N GLN A 154 -1.48 -1.62 9.64
CA GLN A 154 -1.32 -2.92 9.00
C GLN A 154 -2.66 -3.67 8.86
N ASN A 155 -3.57 -3.50 9.84
CA ASN A 155 -4.89 -4.14 9.79
C ASN A 155 -5.63 -3.80 8.50
N GLU A 156 -5.41 -2.61 7.95
CA GLU A 156 -6.18 -2.18 6.79
C GLU A 156 -5.83 -2.94 5.53
N LYS A 157 -4.68 -3.62 5.51
CA LYS A 157 -4.30 -4.42 4.36
C LYS A 157 -5.10 -5.69 4.24
N TYR A 158 -5.65 -6.20 5.36
CA TYR A 158 -6.32 -7.52 5.41
C TYR A 158 -7.83 -7.34 5.48
N ASP A 159 -8.59 -8.36 5.10
CA ASP A 159 -10.07 -8.37 5.18
C ASP A 159 -10.33 -9.78 5.69
N PRO A 160 -10.30 -10.04 7.02
CA PRO A 160 -10.44 -11.39 7.52
C PRO A 160 -11.66 -12.11 6.92
N ALA A 161 -11.45 -13.30 6.39
CA ALA A 161 -12.47 -14.09 5.68
C ALA A 161 -13.46 -14.79 6.57
N GLU A 162 -14.54 -15.28 5.94
CA GLU A 162 -15.59 -16.08 6.65
C GLU A 162 -14.94 -17.39 7.03
N SER A 163 -14.92 -17.72 8.32
CA SER A 163 -14.30 -18.95 8.84
C SER A 163 -15.33 -20.06 8.75
N SER A 164 -14.91 -21.29 8.98
CA SER A 164 -15.85 -22.43 9.11
C SER A 164 -16.43 -22.23 10.53
N VAL A 165 -17.73 -22.27 10.70
CA VAL A 165 -18.39 -22.12 12.03
C VAL A 165 -17.80 -23.17 12.98
N THR A 166 -17.51 -22.82 14.23
CA THR A 166 -17.05 -23.76 15.26
C THR A 166 -18.24 -23.93 16.19
N TYR A 167 -18.76 -25.14 16.33
CA TYR A 167 -19.88 -25.42 17.25
C TYR A 167 -19.28 -25.64 18.62
N VAL A 168 -19.69 -24.82 19.62
CA VAL A 168 -19.20 -24.91 20.99
C VAL A 168 -20.37 -25.36 21.89
N ASN A 169 -20.04 -25.71 23.13
CA ASN A 169 -21.10 -26.19 24.01
C ASN A 169 -22.03 -25.05 24.45
N ASN A 170 -21.47 -23.88 24.79
CA ASN A 170 -22.25 -22.78 25.37
C ASN A 170 -21.61 -21.47 24.92
N LEU A 171 -22.34 -20.68 24.12
CA LEU A 171 -21.80 -19.48 23.52
C LEU A 171 -21.36 -18.44 24.54
N SER A 172 -21.81 -18.53 25.77
CA SER A 172 -21.42 -17.53 26.76
CA SER A 172 -21.43 -17.55 26.77
C SER A 172 -20.24 -17.99 27.61
N ASN A 173 -19.70 -19.19 27.34
CA ASN A 173 -18.58 -19.69 28.11
C ASN A 173 -17.76 -20.70 27.33
N LEU A 174 -16.85 -20.25 26.46
CA LEU A 174 -15.98 -21.16 25.72
C LEU A 174 -14.85 -21.65 26.59
N SER A 175 -14.56 -22.95 26.49
CA SER A 175 -13.41 -23.53 27.17
C SER A 175 -12.12 -23.14 26.45
N THR A 176 -10.98 -23.42 27.09
CA THR A 176 -9.71 -23.15 26.42
C THR A 176 -9.60 -23.92 25.10
N SER A 177 -10.00 -25.20 25.09
CA SER A 177 -9.92 -25.96 23.85
C SER A 177 -10.83 -25.39 22.78
N GLU A 178 -11.99 -24.85 23.15
CA GLU A 178 -12.88 -24.24 22.16
C GLU A 178 -12.32 -22.93 21.63
N ARG A 179 -11.72 -22.12 22.50
CA ARG A 179 -11.06 -20.90 22.04
C ARG A 179 -9.91 -21.21 21.09
N GLU A 180 -9.11 -22.24 21.38
CA GLU A 180 -8.04 -22.62 20.46
C GLU A 180 -8.62 -23.13 19.14
N ALA A 181 -9.74 -23.86 19.19
CA ALA A 181 -10.35 -24.34 17.95
C ALA A 181 -10.84 -23.17 17.09
N VAL A 182 -11.43 -22.15 17.71
CA VAL A 182 -11.87 -21.01 16.92
C VAL A 182 -10.68 -20.30 16.29
N ALA A 183 -9.59 -20.09 17.05
CA ALA A 183 -8.43 -19.42 16.48
C ALA A 183 -7.84 -20.22 15.32
N ALA A 184 -7.83 -21.55 15.43
CA ALA A 184 -7.27 -22.38 14.37
C ALA A 184 -8.14 -22.34 13.13
N ALA A 185 -9.47 -22.30 13.30
CA ALA A 185 -10.35 -22.16 12.14
C ALA A 185 -10.15 -20.82 11.45
N VAL A 186 -10.03 -19.74 12.22
CA VAL A 186 -9.75 -18.44 11.60
C VAL A 186 -8.41 -18.46 10.85
N ARG A 187 -7.38 -19.05 11.45
CA ARG A 187 -6.09 -19.13 10.77
C ARG A 187 -6.21 -19.91 9.46
N ALA A 188 -6.89 -21.05 9.50
CA ALA A 188 -7.02 -21.87 8.30
C ALA A 188 -7.75 -21.15 7.18
N ALA A 189 -8.69 -20.27 7.52
CA ALA A 189 -9.44 -19.52 6.52
C ALA A 189 -8.70 -18.26 6.06
N ASN A 190 -7.55 -17.95 6.67
CA ASN A 190 -6.83 -16.69 6.41
C ASN A 190 -5.34 -16.95 6.25
N PRO A 191 -4.96 -17.74 5.23
CA PRO A 191 -3.53 -17.97 4.97
C PRO A 191 -2.73 -16.73 4.59
N ASN A 192 -3.35 -15.61 4.25
CA ASN A 192 -2.57 -14.44 3.82
C ASN A 192 -2.24 -13.49 4.96
N ILE A 193 -2.87 -13.61 6.12
CA ILE A 193 -2.56 -12.77 7.27
C ILE A 193 -1.13 -13.05 7.71
N PRO A 194 -0.38 -12.11 8.28
CA PRO A 194 1.05 -12.36 8.60
C PRO A 194 1.23 -13.53 9.54
N PRO A 195 2.21 -14.40 9.30
CA PRO A 195 2.38 -15.58 10.18
C PRO A 195 2.53 -15.21 11.63
N THR A 196 3.16 -14.06 11.93
CA THR A 196 3.38 -13.66 13.31
C THR A 196 2.28 -12.79 13.87
N ALA A 197 1.22 -12.49 13.11
CA ALA A 197 0.02 -11.93 13.73
C ALA A 197 -0.50 -12.91 14.77
N LYS A 198 -1.09 -12.37 15.82
CA LYS A 198 -1.58 -13.19 16.93
C LYS A 198 -3.09 -13.19 16.91
N ILE A 199 -3.68 -14.38 16.85
CA ILE A 199 -5.12 -14.55 16.86
C ILE A 199 -5.53 -15.01 18.26
N THR A 200 -6.36 -14.23 18.95
CA THR A 200 -6.89 -14.61 20.26
C THR A 200 -8.41 -14.59 20.26
N VAL A 201 -9.00 -15.41 21.13
CA VAL A 201 -10.44 -15.60 21.18
C VAL A 201 -10.86 -15.48 22.64
N SER A 202 -11.90 -14.69 22.90
CA SER A 202 -12.36 -14.47 24.25
C SER A 202 -13.31 -15.60 24.71
N GLN A 203 -13.77 -15.48 25.96
CA GLN A 203 -14.66 -16.50 26.54
C GLN A 203 -16.04 -16.52 25.91
N ASN A 204 -16.41 -15.52 25.11
CA ASN A 204 -17.67 -15.56 24.36
C ASN A 204 -17.46 -15.74 22.86
N GLY A 205 -16.24 -16.08 22.44
CA GLY A 205 -15.98 -16.34 21.03
C GLY A 205 -15.62 -15.13 20.19
N THR A 206 -15.50 -13.93 20.76
CA THR A 206 -15.08 -12.76 19.99
C THR A 206 -13.61 -12.93 19.60
N VAL A 207 -13.28 -12.69 18.32
CA VAL A 207 -11.92 -12.90 17.83
C VAL A 207 -11.23 -11.56 17.69
N THR A 208 -9.99 -11.49 18.15
CA THR A 208 -9.11 -10.34 17.90
C THR A 208 -7.86 -10.81 17.15
N ILE A 209 -7.55 -10.16 16.02
CA ILE A 209 -6.30 -10.38 15.32
C ILE A 209 -5.43 -9.17 15.60
N THR A 210 -4.27 -9.38 16.24
CA THR A 210 -3.31 -8.32 16.54
C THR A 210 -2.13 -8.43 15.58
N TYR A 211 -1.93 -7.42 14.75
CA TYR A 211 -0.89 -7.45 13.70
C TYR A 211 0.46 -7.06 14.29
N PRO A 212 1.57 -7.29 13.55
CA PRO A 212 2.90 -6.90 14.06
C PRO A 212 3.04 -5.44 14.45
N ASP A 213 2.29 -4.53 13.80
CA ASP A 213 2.33 -3.11 14.15
C ASP A 213 1.39 -2.77 15.30
N LYS A 214 0.74 -3.78 15.87
CA LYS A 214 -0.13 -3.70 17.07
C LYS A 214 -1.50 -3.07 16.80
N SER A 215 -1.86 -2.80 15.53
CA SER A 215 -3.24 -2.55 15.16
C SER A 215 -4.04 -3.85 15.20
N THR A 216 -5.37 -3.73 15.21
CA THR A 216 -6.20 -4.91 15.38
C THR A 216 -7.41 -4.92 14.46
N ASP A 217 -7.90 -6.14 14.20
CA ASP A 217 -9.20 -6.39 13.59
C ASP A 217 -9.96 -7.26 14.57
N THR A 218 -11.29 -7.13 14.58
CA THR A 218 -12.15 -7.92 15.45
C THR A 218 -13.17 -8.64 14.57
N ILE A 219 -13.52 -9.86 14.98
CA ILE A 219 -14.58 -10.61 14.32
C ILE A 219 -15.64 -10.90 15.38
N PRO A 220 -16.87 -10.40 15.23
CA PRO A 220 -17.93 -10.74 16.19
C PRO A 220 -18.14 -12.25 16.33
N ALA A 221 -18.56 -12.62 17.54
CA ALA A 221 -18.69 -14.04 17.86
C ALA A 221 -19.65 -14.76 16.91
N ASN A 222 -20.74 -14.14 16.52
CA ASN A 222 -21.74 -14.94 15.78
C ASN A 222 -21.42 -15.04 14.31
N ARG A 223 -20.25 -14.57 13.89
CA ARG A 223 -19.74 -14.93 12.58
C ARG A 223 -18.83 -16.14 12.61
N VAL A 224 -18.51 -16.64 13.80
CA VAL A 224 -17.53 -17.73 13.94
C VAL A 224 -18.00 -18.85 14.83
N VAL A 225 -18.92 -18.64 15.75
CA VAL A 225 -19.35 -19.69 16.67
C VAL A 225 -20.86 -19.79 16.72
N LYS A 226 -21.33 -21.01 16.96
CA LYS A 226 -22.71 -21.32 17.24
C LYS A 226 -22.75 -22.35 18.35
N ASP A 227 -23.90 -22.48 19.03
CA ASP A 227 -24.11 -23.62 19.93
C ASP A 227 -25.47 -24.22 19.63
N LEU A 228 -25.77 -25.32 20.32
CA LEU A 228 -27.01 -26.06 20.14
C LEU A 228 -27.89 -25.98 21.38
N GLN A 229 -27.85 -24.84 22.09
CA GLN A 229 -28.64 -24.70 23.33
C GLN A 229 -30.13 -24.45 23.07
N ILE A 230 -30.50 -23.99 21.87
CA ILE A 230 -31.90 -23.73 21.54
C ILE A 230 -32.44 -24.85 20.65
C1 NAG B . 5.45 25.76 1.32
C2 NAG B . 5.68 24.75 0.24
C3 NAG B . 4.34 24.12 0.26
C4 NAG B . 4.17 23.22 1.45
C5 NAG B . 4.33 24.13 2.68
C6 NAG B . 4.50 23.37 3.98
C7 NAG B . 6.70 25.09 -1.93
C8 NAG B . 6.26 24.92 -3.34
N2 NAG B . 5.76 25.38 -1.05
O1 NAG B . 6.41 26.83 1.23
O3 NAG B . 4.23 23.40 -0.92
O4 NAG B . 2.85 22.66 1.29
O5 NAG B . 5.45 25.02 2.55
O6 NAG B . 5.52 22.39 3.83
O7 NAG B . 7.86 25.03 -1.58
C1 GAL B . 2.82 21.26 0.96
C2 GAL B . 1.89 20.63 1.98
C3 GAL B . 1.55 19.20 1.65
C4 GAL B . 1.08 19.03 0.22
C5 GAL B . 2.06 19.69 -0.69
C6 GAL B . 1.43 19.64 -2.05
O2 GAL B . 2.53 20.65 3.25
O3 GAL B . 0.47 18.81 2.45
O4 GAL B . -0.18 19.65 0.02
O5 GAL B . 2.23 21.06 -0.32
O6 GAL B . 2.36 20.39 -2.79
C1 SIA B . 0.85 16.50 2.08
C2 SIA B . 0.68 17.49 3.22
C3 SIA B . -0.50 17.03 4.09
C4 SIA B . -0.25 15.78 4.90
C5 SIA B . 1.09 15.83 5.62
C6 SIA B . 2.20 16.09 4.60
C7 SIA B . 3.57 16.16 5.24
C8 SIA B . 4.59 16.64 4.26
C9 SIA B . 6.01 16.34 4.67
C10 SIA B . 1.64 14.45 7.56
C11 SIA B . 1.90 13.06 8.05
N5 SIA B . 1.36 14.56 6.26
O1A SIA B . 1.94 16.30 1.68
O1B SIA B . -0.08 15.97 1.60
O4 SIA B . -1.31 15.68 5.85
O6 SIA B . 1.93 17.36 3.96
O7 SIA B . 3.59 17.07 6.35
O8 SIA B . 4.30 15.91 3.11
O9 SIA B . 6.90 16.69 3.63
O10 SIA B . 1.67 15.42 8.30
NA NA C . -8.61 -5.33 8.32
NA NA D . 6.07 -0.49 -20.65
NA NA E . 9.17 16.08 -25.31
#